data_8VXI
#
_entry.id   8VXI
#
_cell.length_a   72.957
_cell.length_b   118.880
_cell.length_c   94.759
_cell.angle_alpha   90.00
_cell.angle_beta   90.00
_cell.angle_gamma   90.00
#
_symmetry.space_group_name_H-M   'C 2 2 21'
#
loop_
_entity.id
_entity.type
_entity.pdbx_description
1 polymer CYP125MRCA
2 non-polymer Beta-Sitosterol
3 non-polymer 'PROTOPORPHYRIN IX CONTAINING FE'
4 water water
#
_entity_poly.entity_id   1
_entity_poly.type   'polypeptide(L)'
_entity_poly.pdbx_seq_one_letter_code
;MTTTTMAPTDIDLTDPDVYNRGVPHEQFAWLRRNEPVYWHPEPPPDTDGEGYWAVTRHADVVAVSRDPEIFSSQQGGTMI
QDADAAPEELEKQRMMMLNMDPPQHTRLRKLVSKGFTPRMIAKLEDKIRERAKQIVDEAIEKGECDFVADIAAELPLQVI
AELIGVPQEDRQRLFDWSNRMIGYDDPEYHSSEADGEQAAAEMFAYAQELAAERRKNPRDDIVTALVQAEVDGQKLSDLE
FNMFFLLLVVAGNETTRNAISHGMLALLEHPDQWERLRADPSLAPTAVDEILRWASPVMSFRRTATRDTELGGQQIKAGD
KVVMFYASANRDEEVFDDPYTFDITRSPNPHLAFGGGGGPHYCLGANLARLEIRVMFEELAERMPDIELTGPPERLRSNF
INGIKHMPVRFTPARAVGGHHHHHH
;
_entity_poly.pdbx_strand_id   A
#
# COMPACT_ATOMS: atom_id res chain seq x y z
N PRO A 8 -5.55 15.30 -23.80
CA PRO A 8 -4.12 15.55 -23.96
C PRO A 8 -3.50 14.52 -24.89
N THR A 9 -2.34 13.99 -24.52
CA THR A 9 -1.70 12.92 -25.28
C THR A 9 -2.28 11.58 -24.87
N ASP A 10 -1.78 10.50 -25.48
CA ASP A 10 -2.09 9.17 -24.98
C ASP A 10 -0.89 8.58 -24.26
N ILE A 11 -0.50 9.24 -23.18
CA ILE A 11 0.43 8.77 -22.15
C ILE A 11 0.27 7.27 -21.91
N ASP A 12 1.40 6.58 -21.69
CA ASP A 12 1.37 5.17 -21.30
C ASP A 12 1.48 5.11 -19.79
N LEU A 13 0.35 4.85 -19.13
CA LEU A 13 0.29 4.88 -17.68
C LEU A 13 0.91 3.66 -17.02
N THR A 14 1.41 2.69 -17.79
CA THR A 14 2.21 1.60 -17.25
C THR A 14 3.70 1.92 -17.26
N ASP A 15 4.08 3.07 -17.81
CA ASP A 15 5.48 3.47 -17.88
C ASP A 15 5.87 4.16 -16.58
N PRO A 16 6.85 3.64 -15.84
CA PRO A 16 7.26 4.31 -14.59
C PRO A 16 7.67 5.76 -14.76
N ASP A 17 8.27 6.10 -15.90
CA ASP A 17 8.78 7.45 -16.10
C ASP A 17 7.66 8.48 -16.11
N VAL A 18 6.46 8.08 -16.51
CA VAL A 18 5.28 8.96 -16.51
C VAL A 18 5.07 9.57 -15.13
N TYR A 19 5.49 8.87 -14.08
CA TYR A 19 5.28 9.30 -12.71
C TYR A 19 6.49 10.01 -12.11
N ASN A 20 7.53 10.27 -12.90
CA ASN A 20 8.77 10.82 -12.36
C ASN A 20 8.56 12.21 -11.76
N ARG A 21 7.71 13.03 -12.40
CA ARG A 21 7.40 14.35 -11.90
C ARG A 21 6.07 14.40 -11.15
N GLY A 22 5.67 13.28 -10.55
CA GLY A 22 4.47 13.22 -9.75
C GLY A 22 3.34 12.50 -10.46
N VAL A 23 2.30 12.21 -9.69
CA VAL A 23 1.12 11.52 -10.23
C VAL A 23 0.50 12.37 -11.33
N PRO A 24 0.20 11.82 -12.51
CA PRO A 24 -0.33 12.63 -13.63
C PRO A 24 -1.82 12.91 -13.50
N HIS A 25 -2.15 13.83 -12.59
CA HIS A 25 -3.55 14.05 -12.25
C HIS A 25 -4.32 14.78 -13.34
N GLU A 26 -3.64 15.54 -14.21
CA GLU A 26 -4.37 16.17 -15.30
C GLU A 26 -4.82 15.14 -16.33
N GLN A 27 -3.97 14.15 -16.62
CA GLN A 27 -4.39 13.08 -17.52
C GLN A 27 -5.55 12.30 -16.93
N PHE A 28 -5.45 11.96 -15.64
CA PHE A 28 -6.57 11.31 -14.95
C PHE A 28 -7.83 12.16 -15.04
N ALA A 29 -7.70 13.47 -14.80
CA ALA A 29 -8.85 14.35 -14.82
C ALA A 29 -9.47 14.41 -16.21
N TRP A 30 -8.64 14.50 -17.25
CA TRP A 30 -9.17 14.49 -18.61
C TRP A 30 -9.88 13.18 -18.91
N LEU A 31 -9.29 12.05 -18.49
CA LEU A 31 -9.89 10.75 -18.76
C LEU A 31 -11.25 10.62 -18.07
N ARG A 32 -11.31 10.97 -16.78
CA ARG A 32 -12.56 10.88 -16.04
C ARG A 32 -13.69 11.61 -16.77
N ARG A 33 -13.39 12.79 -17.32
CA ARG A 33 -14.41 13.62 -17.94
C ARG A 33 -14.73 13.16 -19.36
N ASN A 34 -13.71 12.75 -20.11
CA ASN A 34 -13.87 12.50 -21.54
C ASN A 34 -13.86 11.03 -21.92
N GLU A 35 -12.96 10.22 -21.36
CA GLU A 35 -12.86 8.79 -21.70
C GLU A 35 -12.64 7.99 -20.43
N PRO A 36 -13.66 7.87 -19.57
CA PRO A 36 -13.44 7.24 -18.26
C PRO A 36 -13.14 5.75 -18.31
N VAL A 37 -13.58 5.04 -19.34
CA VAL A 37 -13.14 3.67 -19.61
C VAL A 37 -12.46 3.71 -20.96
N TYR A 38 -11.13 3.73 -20.96
CA TYR A 38 -10.35 4.11 -22.12
C TYR A 38 -9.38 3.00 -22.51
N TRP A 39 -9.41 2.61 -23.78
CA TRP A 39 -8.48 1.62 -24.32
C TRP A 39 -7.23 2.32 -24.82
N HIS A 40 -6.08 1.97 -24.23
CA HIS A 40 -4.80 2.48 -24.70
C HIS A 40 -4.13 1.42 -25.54
N PRO A 41 -3.81 1.71 -26.81
CA PRO A 41 -3.41 0.64 -27.74
C PRO A 41 -2.07 -0.08 -27.47
N GLU A 42 -1.00 0.69 -27.52
CA GLU A 42 0.33 0.14 -27.33
C GLU A 42 0.88 -0.40 -28.65
N GLU A 50 -1.76 -6.94 -25.64
CA GLU A 50 -1.64 -5.71 -26.40
C GLU A 50 -2.63 -4.66 -25.90
N GLY A 51 -2.15 -3.75 -25.05
CA GLY A 51 -2.98 -2.67 -24.56
C GLY A 51 -3.69 -2.98 -23.27
N TYR A 52 -4.45 -1.99 -22.80
CA TYR A 52 -5.17 -2.10 -21.54
C TYR A 52 -6.29 -1.07 -21.50
N TRP A 53 -7.29 -1.36 -20.69
CA TRP A 53 -8.35 -0.40 -20.38
C TRP A 53 -7.95 0.38 -19.13
N ALA A 54 -8.00 1.71 -19.23
CA ALA A 54 -7.78 2.57 -18.08
C ALA A 54 -9.13 2.90 -17.45
N VAL A 55 -9.29 2.53 -16.19
CA VAL A 55 -10.54 2.75 -15.45
C VAL A 55 -10.25 3.83 -14.41
N THR A 56 -10.81 5.01 -14.62
CA THR A 56 -10.42 6.19 -13.85
C THR A 56 -11.50 6.76 -12.94
N ARG A 57 -12.75 6.36 -13.09
CA ARG A 57 -13.82 6.89 -12.25
C ARG A 57 -14.02 6.03 -11.01
N HIS A 58 -14.41 6.69 -9.92
CA HIS A 58 -14.62 6.04 -8.63
C HIS A 58 -15.62 4.89 -8.74
N ALA A 59 -16.77 5.15 -9.35
CA ALA A 59 -17.81 4.13 -9.44
C ALA A 59 -17.37 2.95 -10.30
N ASP A 60 -16.55 3.19 -11.32
CA ASP A 60 -16.11 2.10 -12.17
C ASP A 60 -15.03 1.25 -11.50
N VAL A 61 -14.15 1.88 -10.71
CA VAL A 61 -13.19 1.12 -9.93
C VAL A 61 -13.92 0.25 -8.91
N VAL A 62 -14.98 0.79 -8.30
CA VAL A 62 -15.77 -0.01 -7.36
C VAL A 62 -16.43 -1.18 -8.07
N ALA A 63 -17.00 -0.93 -9.26
CA ALA A 63 -17.68 -1.99 -9.99
C ALA A 63 -16.71 -3.10 -10.39
N VAL A 64 -15.52 -2.73 -10.86
CA VAL A 64 -14.53 -3.75 -11.24
C VAL A 64 -14.10 -4.56 -10.02
N SER A 65 -13.84 -3.87 -8.91
CA SER A 65 -13.29 -4.55 -7.73
C SER A 65 -14.27 -5.57 -7.16
N ARG A 66 -15.56 -5.26 -7.17
CA ARG A 66 -16.55 -6.11 -6.52
C ARG A 66 -16.97 -7.31 -7.35
N ASP A 67 -16.42 -7.50 -8.55
CA ASP A 67 -16.81 -8.61 -9.44
C ASP A 67 -15.57 -9.38 -9.87
N PRO A 68 -15.03 -10.24 -9.01
CA PRO A 68 -13.86 -11.04 -9.41
C PRO A 68 -14.17 -12.12 -10.42
N GLU A 69 -15.44 -12.51 -10.57
CA GLU A 69 -15.79 -13.51 -11.58
C GLU A 69 -15.53 -12.98 -12.98
N ILE A 70 -15.89 -11.73 -13.24
CA ILE A 70 -15.63 -11.13 -14.55
C ILE A 70 -14.24 -10.55 -14.63
N PHE A 71 -13.78 -9.88 -13.56
CA PHE A 71 -12.49 -9.22 -13.55
C PHE A 71 -11.57 -10.01 -12.61
N SER A 72 -10.82 -10.95 -13.19
CA SER A 72 -10.02 -11.87 -12.42
C SER A 72 -8.71 -11.24 -11.97
N SER A 73 -8.27 -11.63 -10.77
CA SER A 73 -6.92 -11.34 -10.31
C SER A 73 -5.96 -12.45 -10.68
N GLN A 74 -6.47 -13.66 -10.89
CA GLN A 74 -5.66 -14.84 -11.12
C GLN A 74 -5.22 -14.98 -12.57
N GLN A 75 -6.13 -14.67 -13.50
CA GLN A 75 -5.90 -15.00 -14.90
C GLN A 75 -4.61 -14.36 -15.44
N GLY A 76 -4.35 -13.11 -15.08
CA GLY A 76 -3.16 -12.43 -15.54
C GLY A 76 -2.38 -11.73 -14.46
N GLY A 77 -2.60 -12.11 -13.20
CA GLY A 77 -1.96 -11.44 -12.09
C GLY A 77 -2.50 -10.04 -11.90
N THR A 78 -1.86 -9.29 -10.99
CA THR A 78 -2.34 -7.96 -10.64
C THR A 78 -1.34 -6.85 -10.97
N MET A 79 -0.18 -7.16 -11.55
CA MET A 79 0.75 -6.13 -11.97
C MET A 79 0.29 -5.53 -13.30
N ILE A 80 0.59 -4.23 -13.49
CA ILE A 80 0.00 -3.49 -14.60
C ILE A 80 0.82 -3.51 -15.89
N GLN A 81 2.10 -3.85 -15.82
CA GLN A 81 2.91 -3.84 -17.03
C GLN A 81 2.90 -5.22 -17.69
N ASP A 82 3.07 -5.23 -19.01
CA ASP A 82 2.98 -6.43 -19.82
C ASP A 82 4.17 -7.34 -19.60
N ALA A 83 4.10 -8.20 -18.59
CA ALA A 83 5.06 -9.30 -18.42
C ALA A 83 4.49 -10.60 -18.97
N ASP A 84 4.03 -10.54 -20.22
CA ASP A 84 3.30 -11.65 -20.85
C ASP A 84 4.24 -12.71 -21.43
N ALA A 85 5.26 -12.28 -22.17
CA ALA A 85 6.17 -13.21 -22.79
C ALA A 85 7.21 -13.77 -21.81
N ALA A 86 7.13 -13.37 -20.55
CA ALA A 86 7.86 -14.05 -19.48
C ALA A 86 6.83 -14.70 -18.55
N PRO A 87 6.15 -15.76 -18.99
CA PRO A 87 5.12 -16.37 -18.14
C PRO A 87 5.66 -17.03 -16.88
N GLU A 88 6.99 -17.13 -16.74
CA GLU A 88 7.55 -17.68 -15.52
C GLU A 88 7.40 -16.75 -14.34
N GLU A 89 7.23 -15.44 -14.58
CA GLU A 89 7.03 -14.50 -13.49
C GLU A 89 5.59 -14.51 -12.99
N LEU A 90 4.63 -14.79 -13.88
CA LEU A 90 3.25 -15.00 -13.43
C LEU A 90 3.16 -16.21 -12.50
N GLU A 91 3.81 -17.32 -12.90
CA GLU A 91 3.78 -18.52 -12.07
C GLU A 91 4.57 -18.34 -10.78
N LYS A 92 5.59 -17.48 -10.79
CA LYS A 92 6.32 -17.24 -9.56
C LYS A 92 5.51 -16.46 -8.54
N GLN A 93 4.50 -15.73 -8.98
CA GLN A 93 3.68 -14.89 -8.10
C GLN A 93 2.26 -15.43 -7.92
N ARG A 94 1.95 -16.61 -8.44
CA ARG A 94 0.57 -17.07 -8.40
C ARG A 94 0.16 -17.60 -7.03
N MET A 95 1.12 -17.91 -6.16
CA MET A 95 0.79 -18.27 -4.78
C MET A 95 0.71 -17.05 -3.87
N MET A 96 0.77 -15.85 -4.45
CA MET A 96 0.44 -14.62 -3.74
C MET A 96 -1.08 -14.53 -3.58
N MET A 97 -1.53 -14.22 -2.36
CA MET A 97 -2.98 -14.12 -2.13
C MET A 97 -3.60 -13.04 -3.03
N LEU A 98 -2.84 -12.00 -3.37
CA LEU A 98 -3.35 -10.95 -4.25
C LEU A 98 -3.76 -11.50 -5.61
N ASN A 99 -3.12 -12.58 -6.06
CA ASN A 99 -3.33 -13.11 -7.40
C ASN A 99 -4.21 -14.35 -7.40
N MET A 100 -5.08 -14.48 -6.40
CA MET A 100 -6.00 -15.61 -6.29
C MET A 100 -7.43 -15.13 -6.45
N ASP A 101 -8.23 -15.92 -7.13
CA ASP A 101 -9.66 -15.73 -7.19
C ASP A 101 -10.34 -16.69 -6.23
N PRO A 102 -11.61 -16.45 -5.89
CA PRO A 102 -12.36 -17.47 -5.15
C PRO A 102 -12.49 -18.72 -5.98
N PRO A 103 -12.62 -19.89 -5.34
CA PRO A 103 -12.69 -20.16 -3.90
C PRO A 103 -11.31 -20.25 -3.22
N GLN A 104 -10.24 -20.37 -4.02
CA GLN A 104 -8.90 -20.43 -3.46
C GLN A 104 -8.64 -19.24 -2.54
N HIS A 105 -8.96 -18.03 -3.01
CA HIS A 105 -8.68 -16.84 -2.22
C HIS A 105 -9.49 -16.80 -0.93
N THR A 106 -10.78 -17.16 -1.02
CA THR A 106 -11.63 -17.19 0.17
C THR A 106 -11.00 -18.02 1.28
N ARG A 107 -10.50 -19.20 0.91
CA ARG A 107 -9.92 -20.11 1.90
C ARG A 107 -8.66 -19.51 2.51
N LEU A 108 -7.78 -18.94 1.68
CA LEU A 108 -6.55 -18.37 2.21
C LEU A 108 -6.83 -17.13 3.05
N ARG A 109 -7.80 -16.32 2.66
CA ARG A 109 -8.11 -15.12 3.42
C ARG A 109 -8.68 -15.47 4.80
N LYS A 110 -9.52 -16.51 4.86
CA LYS A 110 -10.04 -16.96 6.15
C LYS A 110 -8.91 -17.41 7.08
N LEU A 111 -7.90 -18.07 6.51
CA LEU A 111 -6.83 -18.63 7.33
C LEU A 111 -5.97 -17.54 7.95
N VAL A 112 -5.74 -16.43 7.22
CA VAL A 112 -4.80 -15.41 7.65
C VAL A 112 -5.46 -14.22 8.34
N SER A 113 -6.79 -14.16 8.37
CA SER A 113 -7.49 -12.94 8.77
C SER A 113 -7.56 -12.73 10.28
N LYS A 114 -7.39 -13.79 11.08
CA LYS A 114 -7.77 -13.71 12.50
C LYS A 114 -7.00 -12.62 13.23
N GLY A 115 -5.72 -12.43 12.89
CA GLY A 115 -4.90 -11.46 13.61
C GLY A 115 -5.08 -10.03 13.22
N PHE A 116 -5.96 -9.74 12.25
CA PHE A 116 -6.13 -8.39 11.73
C PHE A 116 -7.55 -7.88 11.90
N THR A 117 -8.38 -8.57 12.69
CA THR A 117 -9.68 -8.03 13.06
C THR A 117 -9.49 -6.74 13.85
N PRO A 118 -10.48 -5.84 13.83
CA PRO A 118 -10.34 -4.58 14.56
C PRO A 118 -9.99 -4.76 16.03
N ARG A 119 -10.59 -5.76 16.70
CA ARG A 119 -10.28 -5.98 18.11
C ARG A 119 -8.82 -6.40 18.30
N MET A 120 -8.29 -7.22 17.39
CA MET A 120 -6.90 -7.61 17.48
C MET A 120 -5.97 -6.42 17.24
N ILE A 121 -6.31 -5.56 16.29
CA ILE A 121 -5.47 -4.41 15.99
C ILE A 121 -5.58 -3.37 17.09
N ALA A 122 -6.79 -3.19 17.64
CA ALA A 122 -7.01 -2.18 18.68
C ALA A 122 -6.09 -2.39 19.88
N LYS A 123 -5.74 -3.64 20.19
CA LYS A 123 -4.90 -3.92 21.33
C LYS A 123 -3.47 -3.38 21.17
N LEU A 124 -3.09 -3.02 19.94
CA LEU A 124 -1.73 -2.58 19.67
C LEU A 124 -1.50 -1.09 19.89
N GLU A 125 -2.56 -0.32 20.17
CA GLU A 125 -2.44 1.14 20.11
C GLU A 125 -1.40 1.67 21.10
N ASP A 126 -1.39 1.14 22.32
CA ASP A 126 -0.47 1.66 23.33
C ASP A 126 0.98 1.39 22.96
N LYS A 127 1.28 0.19 22.48
CA LYS A 127 2.65 -0.13 22.09
C LYS A 127 3.08 0.69 20.87
N ILE A 128 2.19 0.83 19.89
CA ILE A 128 2.49 1.69 18.75
C ILE A 128 2.76 3.11 19.21
N ARG A 129 1.95 3.60 20.16
CA ARG A 129 2.14 4.97 20.64
C ARG A 129 3.46 5.12 21.37
N GLU A 130 3.86 4.12 22.16
CA GLU A 130 5.16 4.18 22.82
C GLU A 130 6.29 4.27 21.80
N ARG A 131 6.21 3.50 20.72
CA ARG A 131 7.25 3.50 19.71
C ARG A 131 7.28 4.82 18.95
N ALA A 132 6.10 5.33 18.55
CA ALA A 132 6.04 6.59 17.83
C ALA A 132 6.60 7.73 18.68
N LYS A 133 6.23 7.79 19.95
CA LYS A 133 6.75 8.82 20.85
C LYS A 133 8.27 8.78 20.91
N GLN A 134 8.85 7.58 21.04
CA GLN A 134 10.31 7.47 21.12
C GLN A 134 10.97 7.81 19.79
N ILE A 135 10.36 7.40 18.68
CA ILE A 135 10.91 7.71 17.36
C ILE A 135 10.91 9.22 17.13
N VAL A 136 9.80 9.89 17.47
CA VAL A 136 9.73 11.34 17.31
C VAL A 136 10.72 12.03 18.23
N ASP A 137 10.83 11.56 19.48
CA ASP A 137 11.79 12.15 20.41
C ASP A 137 13.20 12.09 19.86
N GLU A 138 13.62 10.92 19.38
CA GLU A 138 14.97 10.76 18.87
C GLU A 138 15.20 11.58 17.61
N ALA A 139 14.17 11.75 16.78
CA ALA A 139 14.31 12.61 15.60
C ALA A 139 14.46 14.07 16.01
N ILE A 140 13.72 14.50 17.04
CA ILE A 140 13.81 15.89 17.49
C ILE A 140 15.20 16.19 18.02
N GLU A 141 15.76 15.27 18.82
CA GLU A 141 17.11 15.46 19.33
C GLU A 141 18.14 15.47 18.22
N LYS A 142 17.93 14.69 17.17
CA LYS A 142 18.85 14.69 16.04
C LYS A 142 18.81 16.01 15.28
N GLY A 143 17.68 16.71 15.31
CA GLY A 143 17.55 18.00 14.67
C GLY A 143 17.37 17.91 13.17
N GLU A 144 18.48 17.70 12.45
CA GLU A 144 18.44 17.47 11.01
C GLU A 144 18.37 15.98 10.75
N CYS A 145 17.49 15.56 9.85
CA CYS A 145 17.35 14.14 9.56
C CYS A 145 16.52 13.93 8.30
N ASP A 146 16.45 12.67 7.88
CA ASP A 146 15.60 12.24 6.78
C ASP A 146 14.26 11.80 7.35
N PHE A 147 13.18 12.50 6.96
CA PHE A 147 11.87 12.17 7.52
C PHE A 147 11.45 10.74 7.18
N VAL A 148 11.87 10.22 6.03
CA VAL A 148 11.55 8.84 5.67
C VAL A 148 12.26 7.87 6.61
N ALA A 149 13.60 7.87 6.56
CA ALA A 149 14.37 6.84 7.24
C ALA A 149 14.19 6.93 8.76
N ASP A 150 14.09 8.13 9.31
CA ASP A 150 14.09 8.30 10.76
C ASP A 150 12.71 8.29 11.37
N ILE A 151 11.66 8.52 10.59
CA ILE A 151 10.31 8.62 11.15
C ILE A 151 9.32 7.79 10.35
N ALA A 152 9.10 8.17 9.08
CA ALA A 152 8.02 7.59 8.30
C ALA A 152 8.22 6.10 8.07
N ALA A 153 9.45 5.68 7.80
CA ALA A 153 9.72 4.26 7.60
C ALA A 153 9.91 3.53 8.92
N GLU A 154 10.41 4.23 9.95
CA GLU A 154 10.86 3.54 11.16
C GLU A 154 9.70 3.01 11.98
N LEU A 155 8.61 3.78 12.11
CA LEU A 155 7.48 3.31 12.90
C LEU A 155 6.83 2.07 12.32
N PRO A 156 6.38 2.05 11.05
CA PRO A 156 5.77 0.83 10.53
C PRO A 156 6.73 -0.35 10.52
N LEU A 157 8.02 -0.11 10.30
CA LEU A 157 9.00 -1.19 10.29
C LEU A 157 9.11 -1.82 11.68
N GLN A 158 9.26 -1.01 12.72
CA GLN A 158 9.30 -1.53 14.07
C GLN A 158 8.01 -2.27 14.42
N VAL A 159 6.86 -1.70 14.02
CA VAL A 159 5.59 -2.30 14.36
C VAL A 159 5.41 -3.65 13.66
N ILE A 160 5.72 -3.70 12.37
CA ILE A 160 5.50 -4.94 11.63
C ILE A 160 6.45 -6.03 12.11
N ALA A 161 7.66 -5.66 12.54
CA ALA A 161 8.57 -6.66 13.09
C ALA A 161 8.02 -7.26 14.38
N GLU A 162 7.57 -6.40 15.29
CA GLU A 162 7.03 -6.88 16.56
C GLU A 162 5.75 -7.69 16.36
N LEU A 163 4.87 -7.23 15.47
CA LEU A 163 3.62 -7.93 15.23
C LEU A 163 3.88 -9.32 14.65
N ILE A 164 4.74 -9.40 13.64
CA ILE A 164 5.05 -10.69 13.01
C ILE A 164 5.76 -11.60 14.01
N GLY A 165 6.72 -11.06 14.76
CA GLY A 165 7.50 -11.86 15.68
C GLY A 165 8.97 -11.84 15.33
N VAL A 166 9.37 -10.90 14.48
CA VAL A 166 10.77 -10.73 14.12
C VAL A 166 11.46 -9.91 15.20
N PRO A 167 12.60 -10.36 15.73
CA PRO A 167 13.32 -9.55 16.73
C PRO A 167 13.70 -8.21 16.16
N GLN A 168 13.61 -7.17 17.00
CA GLN A 168 13.90 -5.82 16.55
C GLN A 168 15.29 -5.71 15.95
N GLU A 169 16.22 -6.57 16.38
CA GLU A 169 17.57 -6.54 15.84
C GLU A 169 17.61 -6.87 14.35
N ASP A 170 16.61 -7.61 13.85
CA ASP A 170 16.59 -8.05 12.47
C ASP A 170 15.71 -7.18 11.58
N ARG A 171 15.17 -6.07 12.10
CA ARG A 171 14.17 -5.33 11.33
C ARG A 171 14.77 -4.68 10.08
N GLN A 172 16.05 -4.31 10.12
CA GLN A 172 16.67 -3.71 8.94
C GLN A 172 16.71 -4.69 7.76
N ARG A 173 16.85 -5.99 8.04
CA ARG A 173 16.80 -6.98 6.97
C ARG A 173 15.43 -7.02 6.33
N LEU A 174 14.37 -6.89 7.14
CA LEU A 174 13.02 -6.81 6.60
C LEU A 174 12.88 -5.62 5.66
N PHE A 175 13.42 -4.47 6.07
CA PHE A 175 13.29 -3.25 5.27
C PHE A 175 14.04 -3.37 3.95
N ASP A 176 15.27 -3.87 4.01
CA ASP A 176 16.07 -4.00 2.78
C ASP A 176 15.44 -5.00 1.81
N TRP A 177 14.95 -6.13 2.33
CA TRP A 177 14.30 -7.12 1.48
C TRP A 177 13.11 -6.51 0.74
N SER A 178 12.19 -5.87 1.46
CA SER A 178 11.00 -5.33 0.81
C SER A 178 11.34 -4.19 -0.14
N ASN A 179 12.35 -3.38 0.19
CA ASN A 179 12.80 -2.37 -0.75
C ASN A 179 13.26 -3.01 -2.06
N ARG A 180 14.00 -4.13 -1.96
CA ARG A 180 14.45 -4.83 -3.16
C ARG A 180 13.29 -5.45 -3.93
N MET A 181 12.21 -5.82 -3.23
CA MET A 181 11.12 -6.50 -3.90
C MET A 181 10.20 -5.54 -4.64
N ILE A 182 9.95 -4.35 -4.09
CA ILE A 182 9.11 -3.39 -4.79
C ILE A 182 9.90 -2.41 -5.64
N GLY A 183 11.19 -2.23 -5.37
CA GLY A 183 11.95 -1.18 -6.02
C GLY A 183 12.60 -1.57 -7.32
N TYR A 184 12.01 -2.52 -8.03
CA TYR A 184 12.61 -3.06 -9.25
C TYR A 184 12.66 -2.08 -10.41
N ASP A 185 12.08 -0.89 -10.26
CA ASP A 185 12.18 0.14 -11.29
C ASP A 185 13.02 1.33 -10.85
N ASP A 186 13.55 1.32 -9.63
CA ASP A 186 14.33 2.42 -9.10
C ASP A 186 15.77 1.98 -8.90
N PRO A 187 16.74 2.70 -9.45
CA PRO A 187 18.13 2.23 -9.40
C PRO A 187 18.69 2.11 -7.99
N GLU A 188 18.20 2.93 -7.06
CA GLU A 188 18.72 2.87 -5.69
C GLU A 188 18.26 1.61 -4.98
N TYR A 189 17.00 1.21 -5.18
CA TYR A 189 16.43 0.10 -4.42
C TYR A 189 16.77 -1.26 -4.98
N HIS A 190 17.23 -1.35 -6.24
CA HIS A 190 17.54 -2.64 -6.83
C HIS A 190 18.72 -2.50 -7.78
N SER A 191 19.50 -3.57 -7.90
CA SER A 191 20.72 -3.57 -8.68
C SER A 191 20.66 -4.45 -9.92
N SER A 192 19.85 -5.51 -9.90
CA SER A 192 19.72 -6.39 -11.05
C SER A 192 18.30 -6.93 -11.11
N GLU A 193 17.98 -7.58 -12.23
CA GLU A 193 16.63 -8.06 -12.49
C GLU A 193 16.23 -9.21 -11.57
N ALA A 194 17.20 -9.90 -10.96
CA ALA A 194 16.92 -10.99 -10.04
C ALA A 194 17.02 -10.58 -8.58
N ASP A 195 17.03 -9.28 -8.30
CA ASP A 195 17.17 -8.81 -6.92
C ASP A 195 15.98 -9.27 -6.06
N GLY A 196 14.76 -9.08 -6.57
CA GLY A 196 13.59 -9.46 -5.79
C GLY A 196 13.47 -10.96 -5.61
N GLU A 197 13.78 -11.72 -6.66
CA GLU A 197 13.75 -13.18 -6.56
C GLU A 197 14.74 -13.68 -5.51
N GLN A 198 15.95 -13.12 -5.51
CA GLN A 198 16.93 -13.50 -4.49
C GLN A 198 16.50 -13.04 -3.11
N ALA A 199 15.94 -11.83 -3.01
CA ALA A 199 15.39 -11.37 -1.74
C ALA A 199 14.29 -12.30 -1.25
N ALA A 200 13.45 -12.79 -2.16
CA ALA A 200 12.40 -13.72 -1.77
C ALA A 200 12.97 -15.02 -1.24
N ALA A 201 14.01 -15.55 -1.90
CA ALA A 201 14.64 -16.78 -1.43
C ALA A 201 15.19 -16.60 -0.02
N GLU A 202 15.86 -15.48 0.24
CA GLU A 202 16.41 -15.24 1.58
C GLU A 202 15.30 -15.10 2.61
N MET A 203 14.24 -14.35 2.29
CA MET A 203 13.14 -14.19 3.23
C MET A 203 12.44 -15.51 3.51
N PHE A 204 12.24 -16.33 2.48
CA PHE A 204 11.60 -17.63 2.68
C PHE A 204 12.39 -18.49 3.65
N ALA A 205 13.73 -18.49 3.53
CA ALA A 205 14.56 -19.22 4.47
C ALA A 205 14.40 -18.66 5.88
N TYR A 206 14.38 -17.34 6.02
CA TYR A 206 14.20 -16.71 7.32
C TYR A 206 12.83 -17.07 7.91
N ALA A 207 11.78 -16.97 7.10
CA ALA A 207 10.43 -17.22 7.60
C ALA A 207 10.25 -18.67 8.05
N GLN A 208 10.87 -19.61 7.33
CA GLN A 208 10.74 -21.02 7.71
C GLN A 208 11.41 -21.30 9.04
N GLU A 209 12.56 -20.67 9.29
CA GLU A 209 13.19 -20.77 10.61
C GLU A 209 12.23 -20.30 11.70
N LEU A 210 11.63 -19.13 11.50
CA LEU A 210 10.70 -18.57 12.49
C LEU A 210 9.50 -19.49 12.68
N ALA A 211 8.93 -19.98 11.58
CA ALA A 211 7.78 -20.87 11.69
C ALA A 211 8.13 -22.13 12.48
N ALA A 212 9.33 -22.68 12.25
CA ALA A 212 9.75 -23.86 12.99
C ALA A 212 9.89 -23.57 14.48
N GLU A 213 10.47 -22.43 14.83
CA GLU A 213 10.62 -22.07 16.24
C GLU A 213 9.26 -21.92 16.91
N ARG A 214 8.32 -21.24 16.27
CA ARG A 214 7.02 -21.01 16.88
C ARG A 214 6.16 -22.26 16.92
N ARG A 215 6.40 -23.22 16.04
CA ARG A 215 5.71 -24.50 16.15
C ARG A 215 6.12 -25.24 17.41
N LYS A 216 7.42 -25.25 17.72
CA LYS A 216 7.88 -25.83 18.97
C LYS A 216 7.46 -24.99 20.17
N ASN A 217 7.70 -23.68 20.09
CA ASN A 217 7.50 -22.77 21.21
C ASN A 217 6.66 -21.59 20.75
N PRO A 218 5.34 -21.67 20.91
CA PRO A 218 4.46 -20.59 20.43
C PRO A 218 4.70 -19.30 21.20
N ARG A 219 4.48 -18.18 20.51
CA ARG A 219 4.52 -16.85 21.11
C ARG A 219 3.25 -16.11 20.75
N ASP A 220 3.09 -14.91 21.29
CA ASP A 220 1.97 -14.04 20.93
C ASP A 220 2.39 -13.13 19.78
N ASP A 221 2.51 -13.75 18.60
CA ASP A 221 2.87 -13.04 17.38
C ASP A 221 2.12 -13.65 16.20
N ILE A 222 2.26 -13.00 15.05
CA ILE A 222 1.50 -13.42 13.88
C ILE A 222 2.04 -14.74 13.31
N VAL A 223 3.35 -14.98 13.43
CA VAL A 223 3.91 -16.25 12.94
C VAL A 223 3.28 -17.42 13.67
N THR A 224 3.13 -17.32 14.99
CA THR A 224 2.48 -18.37 15.75
C THR A 224 1.02 -18.52 15.35
N ALA A 225 0.31 -17.39 15.20
CA ALA A 225 -1.06 -17.44 14.75
C ALA A 225 -1.18 -18.14 13.40
N LEU A 226 -0.22 -17.93 12.51
CA LEU A 226 -0.31 -18.49 11.17
C LEU A 226 -0.04 -19.99 11.17
N VAL A 227 0.96 -20.45 11.92
CA VAL A 227 1.25 -21.88 11.94
C VAL A 227 0.16 -22.64 12.67
N GLN A 228 -0.54 -21.99 13.60
CA GLN A 228 -1.62 -22.65 14.34
C GLN A 228 -2.97 -22.53 13.65
N ALA A 229 -3.10 -21.63 12.69
CA ALA A 229 -4.41 -21.36 12.07
C ALA A 229 -4.96 -22.61 11.40
N GLU A 230 -6.28 -22.75 11.45
CA GLU A 230 -6.96 -23.89 10.86
C GLU A 230 -8.39 -23.49 10.59
N VAL A 231 -8.82 -23.64 9.34
CA VAL A 231 -10.17 -23.26 8.91
C VAL A 231 -10.69 -24.34 7.97
N ASP A 232 -11.90 -24.85 8.25
CA ASP A 232 -12.55 -25.85 7.42
C ASP A 232 -11.66 -27.07 7.21
N GLY A 233 -10.92 -27.44 8.26
CA GLY A 233 -10.01 -28.56 8.17
C GLY A 233 -8.75 -28.31 7.37
N GLN A 234 -8.43 -27.04 7.09
CA GLN A 234 -7.28 -26.69 6.29
C GLN A 234 -6.28 -25.89 7.12
N LYS A 235 -5.00 -26.08 6.83
CA LYS A 235 -3.93 -25.31 7.44
C LYS A 235 -3.03 -24.79 6.31
N LEU A 236 -2.19 -23.83 6.66
CA LEU A 236 -1.32 -23.22 5.66
C LEU A 236 -0.23 -24.19 5.24
N SER A 237 -0.04 -24.34 3.93
CA SER A 237 1.12 -25.05 3.43
C SER A 237 2.36 -24.20 3.60
N ASP A 238 3.52 -24.79 3.30
CA ASP A 238 4.79 -24.07 3.43
C ASP A 238 4.82 -22.84 2.51
N LEU A 239 4.47 -23.03 1.24
CA LEU A 239 4.51 -21.93 0.29
C LEU A 239 3.44 -20.89 0.60
N GLU A 240 2.26 -21.33 1.04
CA GLU A 240 1.22 -20.39 1.45
C GLU A 240 1.69 -19.53 2.61
N PHE A 241 2.28 -20.16 3.63
CA PHE A 241 2.86 -19.40 4.74
C PHE A 241 3.93 -18.44 4.24
N ASN A 242 4.87 -18.94 3.45
CA ASN A 242 5.99 -18.12 2.98
C ASN A 242 5.49 -16.91 2.22
N MET A 243 4.52 -17.10 1.32
CA MET A 243 4.06 -15.98 0.51
C MET A 243 3.25 -14.98 1.34
N PHE A 244 2.54 -15.44 2.37
CA PHE A 244 1.83 -14.47 3.20
C PHE A 244 2.79 -13.71 4.12
N PHE A 245 3.80 -14.41 4.65
CA PHE A 245 4.86 -13.73 5.40
C PHE A 245 5.48 -12.63 4.56
N LEU A 246 5.85 -12.95 3.32
CA LEU A 246 6.40 -11.95 2.41
C LEU A 246 5.42 -10.80 2.21
N LEU A 247 4.17 -11.12 1.91
CA LEU A 247 3.15 -10.10 1.68
C LEU A 247 3.03 -9.15 2.87
N LEU A 248 2.97 -9.72 4.07
CA LEU A 248 2.87 -8.89 5.29
C LEU A 248 4.05 -7.95 5.42
N VAL A 249 5.26 -8.45 5.20
CA VAL A 249 6.46 -7.63 5.39
C VAL A 249 6.51 -6.50 4.37
N VAL A 250 6.21 -6.80 3.11
CA VAL A 250 6.32 -5.80 2.06
C VAL A 250 5.19 -4.78 2.17
N ALA A 251 3.96 -5.27 2.32
CA ALA A 251 2.83 -4.36 2.52
C ALA A 251 3.04 -3.49 3.76
N GLY A 252 3.55 -4.09 4.83
CA GLY A 252 3.78 -3.32 6.04
C GLY A 252 4.86 -2.26 5.89
N ASN A 253 5.81 -2.46 4.98
CA ASN A 253 6.95 -1.57 4.86
C ASN A 253 6.91 -0.67 3.62
N GLU A 254 5.98 -0.87 2.69
CA GLU A 254 6.00 -0.12 1.45
C GLU A 254 4.68 0.60 1.18
N THR A 255 3.87 0.83 2.20
CA THR A 255 2.60 1.55 2.01
C THR A 255 2.43 2.62 3.07
N THR A 256 2.42 2.19 4.35
CA THR A 256 2.16 3.12 5.45
C THR A 256 3.18 4.25 5.48
N ARG A 257 4.46 3.92 5.24
CA ARG A 257 5.48 4.95 5.29
C ARG A 257 5.31 5.99 4.20
N ASN A 258 4.72 5.60 3.07
CA ASN A 258 4.48 6.56 2.00
C ASN A 258 3.26 7.42 2.28
N ALA A 259 2.26 6.88 2.96
CA ALA A 259 1.15 7.70 3.44
C ALA A 259 1.65 8.71 4.46
N ILE A 260 2.59 8.31 5.31
CA ILE A 260 3.12 9.22 6.33
C ILE A 260 4.00 10.28 5.70
N SER A 261 4.86 9.89 4.76
CA SER A 261 5.72 10.87 4.09
C SER A 261 4.90 11.87 3.29
N HIS A 262 4.00 11.38 2.44
CA HIS A 262 3.15 12.28 1.67
C HIS A 262 2.20 13.06 2.57
N GLY A 263 1.77 12.47 3.69
CA GLY A 263 0.90 13.19 4.61
C GLY A 263 1.60 14.36 5.25
N MET A 264 2.85 14.16 5.71
CA MET A 264 3.62 15.25 6.29
C MET A 264 3.89 16.33 5.25
N LEU A 265 4.24 15.92 4.02
CA LEU A 265 4.46 16.88 2.95
C LEU A 265 3.21 17.71 2.70
N ALA A 266 2.04 17.06 2.63
CA ALA A 266 0.80 17.78 2.40
C ALA A 266 0.50 18.75 3.54
N LEU A 267 0.78 18.34 4.78
CA LEU A 267 0.51 19.21 5.91
C LEU A 267 1.43 20.43 5.89
N LEU A 268 2.68 20.25 5.48
CA LEU A 268 3.58 21.40 5.34
C LEU A 268 3.23 22.24 4.13
N GLU A 269 2.74 21.63 3.05
CA GLU A 269 2.31 22.35 1.87
C GLU A 269 0.98 23.05 2.06
N HIS A 270 0.22 22.69 3.08
CA HIS A 270 -1.08 23.30 3.39
C HIS A 270 -1.06 23.71 4.86
N PRO A 271 -0.27 24.73 5.20
CA PRO A 271 0.06 24.97 6.62
C PRO A 271 -1.15 25.25 7.51
N ASP A 272 -2.25 25.76 6.96
CA ASP A 272 -3.45 25.96 7.77
C ASP A 272 -3.98 24.64 8.31
N GLN A 273 -3.90 23.58 7.50
CA GLN A 273 -4.34 22.26 7.96
C GLN A 273 -3.46 21.76 9.09
N TRP A 274 -2.14 21.95 8.98
CA TRP A 274 -1.22 21.52 10.02
C TRP A 274 -1.43 22.30 11.32
N GLU A 275 -1.71 23.60 11.21
CA GLU A 275 -2.02 24.40 12.40
C GLU A 275 -3.21 23.83 13.16
N ARG A 276 -4.25 23.44 12.43
CA ARG A 276 -5.48 23.01 13.07
C ARG A 276 -5.32 21.61 13.70
N LEU A 277 -4.55 20.72 13.06
CA LEU A 277 -4.30 19.41 13.66
C LEU A 277 -3.50 19.55 14.95
N ARG A 278 -2.51 20.45 14.97
CA ARG A 278 -1.72 20.64 16.19
C ARG A 278 -2.54 21.32 17.28
N ALA A 279 -3.48 22.18 16.91
CA ALA A 279 -4.34 22.82 17.91
C ALA A 279 -5.40 21.85 18.43
N ASP A 280 -5.91 20.99 17.56
CA ASP A 280 -6.99 20.05 17.89
C ASP A 280 -6.59 18.65 17.41
N PRO A 281 -5.88 17.88 18.25
CA PRO A 281 -5.51 16.52 17.85
C PRO A 281 -6.69 15.57 17.70
N SER A 282 -7.90 15.96 18.12
CA SER A 282 -9.07 15.12 17.87
C SER A 282 -9.47 15.09 16.41
N LEU A 283 -8.84 15.91 15.56
CA LEU A 283 -9.04 15.86 14.12
C LEU A 283 -8.28 14.72 13.46
N ALA A 284 -7.45 14.01 14.20
CA ALA A 284 -6.56 13.01 13.60
C ALA A 284 -7.29 11.92 12.83
N PRO A 285 -8.41 11.35 13.29
CA PRO A 285 -9.07 10.30 12.50
C PRO A 285 -9.46 10.73 11.09
N THR A 286 -10.16 11.86 10.94
CA THR A 286 -10.50 12.31 9.59
C THR A 286 -9.27 12.76 8.82
N ALA A 287 -8.24 13.26 9.53
CA ALA A 287 -7.01 13.63 8.87
C ALA A 287 -6.35 12.42 8.21
N VAL A 288 -6.41 11.26 8.87
CA VAL A 288 -5.82 10.05 8.32
C VAL A 288 -6.47 9.70 6.98
N ASP A 289 -7.81 9.75 6.93
CA ASP A 289 -8.50 9.37 5.71
C ASP A 289 -8.21 10.35 4.58
N GLU A 290 -8.08 11.64 4.90
CA GLU A 290 -7.72 12.61 3.87
C GLU A 290 -6.26 12.48 3.46
N ILE A 291 -5.39 12.04 4.37
CA ILE A 291 -4.02 11.74 3.99
C ILE A 291 -3.97 10.53 3.07
N LEU A 292 -4.83 9.55 3.31
CA LEU A 292 -4.88 8.37 2.45
C LEU A 292 -5.47 8.72 1.08
N ARG A 293 -6.57 9.47 1.06
CA ARG A 293 -7.13 9.92 -0.21
C ARG A 293 -6.11 10.76 -0.99
N TRP A 294 -5.40 11.63 -0.29
CA TRP A 294 -4.45 12.54 -0.94
C TRP A 294 -3.27 11.78 -1.51
N ALA A 295 -2.68 10.88 -0.71
CA ALA A 295 -1.43 10.24 -1.11
C ALA A 295 -1.66 9.08 -2.07
N SER A 296 -2.77 8.36 -1.92
CA SER A 296 -3.09 7.15 -2.68
C SER A 296 -1.83 6.29 -2.85
N PRO A 297 -1.26 5.77 -1.76
CA PRO A 297 0.07 5.13 -1.85
C PRO A 297 0.14 3.98 -2.84
N VAL A 298 -0.92 3.20 -2.97
CA VAL A 298 -1.03 2.19 -4.02
C VAL A 298 -1.79 2.84 -5.17
N MET A 299 -1.08 3.13 -6.26
CA MET A 299 -1.67 3.93 -7.32
C MET A 299 -2.67 3.15 -8.16
N SER A 300 -2.40 1.87 -8.40
CA SER A 300 -3.25 1.11 -9.31
C SER A 300 -3.08 -0.38 -9.08
N PHE A 301 -4.06 -1.14 -9.58
CA PHE A 301 -3.98 -2.59 -9.62
C PHE A 301 -4.69 -3.06 -10.89
N ARG A 302 -4.26 -4.21 -11.38
CA ARG A 302 -4.72 -4.72 -12.66
C ARG A 302 -5.67 -5.90 -12.46
N ARG A 303 -6.61 -6.04 -13.39
CA ARG A 303 -7.47 -7.20 -13.50
C ARG A 303 -7.44 -7.69 -14.96
N THR A 304 -8.04 -8.85 -15.19
CA THR A 304 -8.16 -9.41 -16.54
C THR A 304 -9.59 -9.93 -16.72
N ALA A 305 -10.23 -9.48 -17.79
CA ALA A 305 -11.60 -9.91 -18.05
C ALA A 305 -11.64 -11.39 -18.39
N THR A 306 -12.43 -12.16 -17.63
CA THR A 306 -12.60 -13.58 -17.92
C THR A 306 -13.57 -13.82 -19.06
N ARG A 307 -14.36 -12.83 -19.43
CA ARG A 307 -15.36 -12.98 -20.48
C ARG A 307 -15.62 -11.61 -21.10
N ASP A 308 -16.31 -11.63 -22.23
CA ASP A 308 -16.83 -10.39 -22.80
C ASP A 308 -17.78 -9.73 -21.81
N THR A 309 -17.65 -8.42 -21.65
CA THR A 309 -18.48 -7.69 -20.70
C THR A 309 -18.47 -6.21 -21.08
N GLU A 310 -19.40 -5.47 -20.48
CA GLU A 310 -19.54 -4.05 -20.74
C GLU A 310 -19.30 -3.27 -19.45
N LEU A 311 -18.46 -2.25 -19.53
CA LEU A 311 -18.13 -1.38 -18.41
C LEU A 311 -18.18 0.06 -18.88
N GLY A 312 -19.05 0.86 -18.26
CA GLY A 312 -19.20 2.25 -18.68
C GLY A 312 -19.54 2.40 -20.15
N GLY A 313 -20.39 1.52 -20.67
CA GLY A 313 -20.74 1.55 -22.07
C GLY A 313 -19.64 1.13 -23.01
N GLN A 314 -18.55 0.57 -22.51
CA GLN A 314 -17.43 0.14 -23.33
C GLN A 314 -17.36 -1.39 -23.34
N GLN A 315 -17.03 -1.94 -24.50
CA GLN A 315 -16.97 -3.39 -24.70
C GLN A 315 -15.58 -3.89 -24.33
N ILE A 316 -15.49 -4.70 -23.28
CA ILE A 316 -14.24 -5.33 -22.85
C ILE A 316 -14.31 -6.80 -23.21
N LYS A 317 -13.23 -7.32 -23.81
CA LYS A 317 -13.25 -8.72 -24.22
C LYS A 317 -12.57 -9.62 -23.19
N ALA A 318 -12.91 -10.90 -23.28
CA ALA A 318 -12.13 -11.95 -22.65
C ALA A 318 -10.66 -11.73 -22.93
N GLY A 319 -9.84 -11.83 -21.88
CA GLY A 319 -8.41 -11.63 -22.00
C GLY A 319 -7.94 -10.20 -21.93
N ASP A 320 -8.86 -9.22 -21.93
CA ASP A 320 -8.45 -7.82 -21.93
C ASP A 320 -7.90 -7.44 -20.56
N LYS A 321 -6.77 -6.73 -20.57
CA LYS A 321 -6.18 -6.20 -19.35
C LYS A 321 -6.92 -4.93 -18.94
N VAL A 322 -7.25 -4.84 -17.64
CA VAL A 322 -8.03 -3.74 -17.08
C VAL A 322 -7.28 -3.22 -15.86
N VAL A 323 -7.04 -1.91 -15.83
CA VAL A 323 -6.24 -1.29 -14.78
C VAL A 323 -7.10 -0.27 -14.04
N MET A 324 -7.24 -0.46 -12.73
CA MET A 324 -7.97 0.46 -11.86
C MET A 324 -6.99 1.48 -11.30
N PHE A 325 -7.28 2.77 -11.49
CA PHE A 325 -6.39 3.82 -11.01
C PHE A 325 -7.02 4.45 -9.75
N TYR A 326 -6.53 4.01 -8.59
CA TYR A 326 -7.08 4.48 -7.32
C TYR A 326 -6.82 5.96 -7.11
N ALA A 327 -5.66 6.45 -7.57
CA ALA A 327 -5.36 7.87 -7.41
C ALA A 327 -6.32 8.73 -8.22
N SER A 328 -6.77 8.25 -9.36
CA SER A 328 -7.78 8.99 -10.14
C SER A 328 -9.13 8.95 -9.45
N ALA A 329 -9.54 7.77 -8.98
CA ALA A 329 -10.80 7.65 -8.26
C ALA A 329 -10.84 8.55 -7.04
N ASN A 330 -9.70 8.76 -6.39
CA ASN A 330 -9.63 9.59 -5.20
C ASN A 330 -9.60 11.09 -5.52
N ARG A 331 -9.84 11.46 -6.79
CA ARG A 331 -10.10 12.84 -7.17
C ARG A 331 -11.40 12.95 -7.96
N ASP A 332 -12.24 11.91 -7.92
CA ASP A 332 -13.46 11.89 -8.70
C ASP A 332 -14.41 12.99 -8.24
N GLU A 333 -14.71 13.92 -9.15
CA GLU A 333 -15.54 15.06 -8.83
C GLU A 333 -16.98 14.67 -8.48
N GLU A 334 -17.44 13.51 -8.94
CA GLU A 334 -18.78 13.05 -8.60
C GLU A 334 -18.87 12.55 -7.17
N VAL A 335 -17.74 12.30 -6.51
CA VAL A 335 -17.70 11.74 -5.17
C VAL A 335 -17.21 12.77 -4.15
N PHE A 336 -16.12 13.46 -4.47
CA PHE A 336 -15.52 14.43 -3.55
C PHE A 336 -15.73 15.84 -4.08
N ASP A 337 -16.29 16.70 -3.24
CA ASP A 337 -16.40 18.11 -3.57
C ASP A 337 -15.03 18.76 -3.46
N ASP A 338 -14.66 19.57 -4.45
CA ASP A 338 -13.39 20.28 -4.47
C ASP A 338 -12.25 19.28 -4.27
N PRO A 339 -12.09 18.30 -5.17
CA PRO A 339 -11.20 17.16 -4.87
C PRO A 339 -9.74 17.54 -4.73
N TYR A 340 -9.28 18.63 -5.32
CA TYR A 340 -7.89 19.03 -5.22
C TYR A 340 -7.62 19.90 -3.99
N THR A 341 -8.59 19.99 -3.08
CA THR A 341 -8.39 20.62 -1.78
C THR A 341 -7.99 19.56 -0.76
N PHE A 342 -6.91 19.83 -0.02
CA PHE A 342 -6.48 18.97 1.08
C PHE A 342 -7.17 19.46 2.35
N ASP A 343 -8.22 18.74 2.78
CA ASP A 343 -9.08 19.15 3.88
C ASP A 343 -9.15 18.01 4.89
N ILE A 344 -8.47 18.17 6.03
CA ILE A 344 -8.33 17.08 6.99
C ILE A 344 -9.61 16.84 7.78
N THR A 345 -10.63 17.67 7.55
CA THR A 345 -11.94 17.44 8.16
C THR A 345 -12.95 16.89 7.15
N ARG A 346 -12.51 16.55 5.95
CA ARG A 346 -13.41 16.07 4.91
C ARG A 346 -14.21 14.86 5.38
N SER A 347 -15.53 14.97 5.32
CA SER A 347 -16.42 13.90 5.78
C SER A 347 -17.78 14.02 5.09
N PRO A 348 -18.32 12.91 4.54
CA PRO A 348 -17.66 11.60 4.49
C PRO A 348 -16.50 11.58 3.48
N ASN A 349 -15.68 10.53 3.54
CA ASN A 349 -14.47 10.44 2.72
C ASN A 349 -14.31 9.00 2.23
N PRO A 350 -15.16 8.58 1.28
CA PRO A 350 -15.12 7.19 0.80
C PRO A 350 -14.02 6.95 -0.22
N HIS A 351 -12.78 7.22 0.18
CA HIS A 351 -11.64 7.06 -0.71
C HIS A 351 -11.36 5.57 -0.96
N LEU A 352 -10.63 5.30 -2.04
CA LEU A 352 -10.32 3.94 -2.48
C LEU A 352 -8.85 3.59 -2.30
N ALA A 353 -8.17 4.22 -1.33
CA ALA A 353 -6.75 3.96 -1.13
C ALA A 353 -6.50 2.51 -0.72
N PHE A 354 -7.47 1.87 -0.05
CA PHE A 354 -7.35 0.48 0.34
C PHE A 354 -8.01 -0.47 -0.64
N GLY A 355 -8.45 0.03 -1.79
CA GLY A 355 -9.19 -0.75 -2.76
C GLY A 355 -10.64 -0.28 -2.85
N GLY A 356 -11.31 -0.81 -3.88
CA GLY A 356 -12.72 -0.50 -4.06
C GLY A 356 -13.55 -1.20 -2.99
N GLY A 357 -14.46 -0.44 -2.37
CA GLY A 357 -15.34 -1.01 -1.37
C GLY A 357 -16.18 -2.14 -1.94
N GLY A 358 -16.15 -3.30 -1.29
CA GLY A 358 -16.87 -4.47 -1.75
C GLY A 358 -16.02 -5.52 -2.40
N GLY A 359 -14.75 -5.24 -2.69
CA GLY A 359 -13.87 -6.21 -3.27
C GLY A 359 -13.42 -7.25 -2.27
N PRO A 360 -13.28 -8.50 -2.72
CA PRO A 360 -12.80 -9.55 -1.80
C PRO A 360 -11.35 -9.38 -1.39
N HIS A 361 -10.58 -8.56 -2.10
CA HIS A 361 -9.17 -8.33 -1.78
C HIS A 361 -8.95 -7.05 -0.99
N TYR A 362 -10.02 -6.41 -0.50
CA TYR A 362 -9.89 -5.16 0.23
C TYR A 362 -8.87 -5.29 1.35
N CYS A 363 -8.00 -4.28 1.47
CA CYS A 363 -6.79 -4.33 2.29
C CYS A 363 -7.03 -4.99 3.64
N LEU A 364 -6.35 -6.11 3.86
CA LEU A 364 -6.45 -6.80 5.14
C LEU A 364 -5.84 -5.99 6.27
N GLY A 365 -4.87 -5.13 5.97
CA GLY A 365 -4.20 -4.36 7.00
C GLY A 365 -4.74 -2.95 7.17
N ALA A 366 -5.97 -2.71 6.72
CA ALA A 366 -6.50 -1.34 6.70
C ALA A 366 -6.61 -0.78 8.11
N ASN A 367 -7.04 -1.59 9.07
CA ASN A 367 -7.13 -1.12 10.45
C ASN A 367 -5.75 -0.81 11.02
N LEU A 368 -4.76 -1.66 10.71
CA LEU A 368 -3.41 -1.43 11.20
C LEU A 368 -2.81 -0.18 10.57
N ALA A 369 -3.01 0.00 9.26
CA ALA A 369 -2.47 1.18 8.57
C ALA A 369 -3.03 2.46 9.17
N ARG A 370 -4.35 2.54 9.32
CA ARG A 370 -4.98 3.74 9.89
C ARG A 370 -4.43 4.03 11.28
N LEU A 371 -4.30 2.99 12.11
CA LEU A 371 -3.81 3.19 13.47
C LEU A 371 -2.39 3.74 13.47
N GLU A 372 -1.51 3.14 12.67
CA GLU A 372 -0.12 3.62 12.59
C GLU A 372 -0.07 5.07 12.15
N ILE A 373 -0.84 5.42 11.11
CA ILE A 373 -0.85 6.80 10.62
C ILE A 373 -1.42 7.74 11.67
N ARG A 374 -2.52 7.34 12.33
CA ARG A 374 -3.14 8.21 13.32
C ARG A 374 -2.20 8.45 14.49
N VAL A 375 -1.60 7.40 15.03
CA VAL A 375 -0.72 7.55 16.19
C VAL A 375 0.48 8.42 15.83
N MET A 376 1.07 8.20 14.65
CA MET A 376 2.27 8.95 14.28
C MET A 376 1.98 10.44 14.17
N PHE A 377 0.86 10.81 13.53
CA PHE A 377 0.59 12.24 13.36
C PHE A 377 0.07 12.87 14.65
N GLU A 378 -0.62 12.09 15.49
CA GLU A 378 -0.92 12.58 16.84
C GLU A 378 0.36 12.95 17.57
N GLU A 379 1.33 12.02 17.61
CA GLU A 379 2.59 12.27 18.30
C GLU A 379 3.34 13.44 17.68
N LEU A 380 3.40 13.48 16.34
CA LEU A 380 4.02 14.62 15.67
C LEU A 380 3.29 15.92 16.00
N ALA A 381 2.00 15.85 16.31
CA ALA A 381 1.22 17.05 16.60
C ALA A 381 1.30 17.42 18.08
N GLU A 382 1.17 16.45 19.00
CA GLU A 382 1.18 16.75 20.43
C GLU A 382 2.48 17.42 20.83
N ARG A 383 3.59 16.67 20.75
CA ARG A 383 4.88 17.33 20.54
C ARG A 383 4.69 18.29 19.37
N MET A 384 4.97 19.57 19.59
CA MET A 384 4.87 20.55 18.50
C MET A 384 6.24 21.12 18.20
N PRO A 385 7.12 20.32 17.58
CA PRO A 385 8.29 20.91 16.96
C PRO A 385 7.87 21.64 15.71
N ASP A 386 8.71 22.56 15.28
CA ASP A 386 8.55 23.17 13.97
C ASP A 386 9.26 22.27 12.98
N ILE A 387 8.49 21.52 12.20
CA ILE A 387 9.03 20.70 11.12
C ILE A 387 9.15 21.55 9.88
N GLU A 388 10.28 21.45 9.20
CA GLU A 388 10.57 22.30 8.06
C GLU A 388 11.39 21.50 7.06
N LEU A 389 11.07 21.65 5.78
CA LEU A 389 11.86 21.02 4.74
C LEU A 389 13.19 21.74 4.57
N THR A 390 14.24 20.96 4.31
CA THR A 390 15.53 21.52 3.96
C THR A 390 15.96 21.16 2.55
N GLY A 391 15.13 20.44 1.81
CA GLY A 391 15.42 20.06 0.46
C GLY A 391 14.20 19.43 -0.19
N PRO A 392 14.30 19.10 -1.47
CA PRO A 392 13.17 18.49 -2.17
C PRO A 392 13.11 17.01 -1.91
N PRO A 393 11.93 16.47 -1.61
CA PRO A 393 11.80 15.02 -1.48
C PRO A 393 12.18 14.32 -2.78
N GLU A 394 12.72 13.11 -2.65
CA GLU A 394 13.08 12.29 -3.79
C GLU A 394 12.04 11.19 -3.95
N ARG A 395 11.36 11.19 -5.10
CA ARG A 395 10.32 10.21 -5.36
C ARG A 395 10.93 8.85 -5.68
N LEU A 396 10.15 7.80 -5.44
CA LEU A 396 10.49 6.48 -5.93
C LEU A 396 10.09 6.38 -7.39
N ARG A 397 11.00 5.86 -8.22
CA ARG A 397 10.64 5.57 -9.61
C ARG A 397 9.82 4.29 -9.62
N SER A 398 8.54 4.41 -9.99
CA SER A 398 7.61 3.30 -9.95
C SER A 398 6.38 3.65 -10.76
N ASN A 399 5.76 2.63 -11.34
CA ASN A 399 4.47 2.77 -12.01
C ASN A 399 3.33 2.26 -11.15
N PHE A 400 3.60 2.04 -9.85
CA PHE A 400 2.72 1.25 -9.00
C PHE A 400 2.61 1.90 -7.62
N ILE A 401 3.74 2.25 -7.03
CA ILE A 401 3.80 2.88 -5.71
C ILE A 401 4.01 4.38 -5.88
N ASN A 402 3.25 5.17 -5.11
CA ASN A 402 3.48 6.61 -4.99
C ASN A 402 4.32 6.81 -3.74
N GLY A 403 5.64 6.71 -3.90
CA GLY A 403 6.55 6.61 -2.78
C GLY A 403 7.56 7.73 -2.71
N ILE A 404 7.96 8.06 -1.48
CA ILE A 404 9.04 9.00 -1.21
C ILE A 404 10.22 8.21 -0.68
N LYS A 405 11.37 8.35 -1.32
CA LYS A 405 12.57 7.65 -0.87
C LYS A 405 13.28 8.42 0.24
N HIS A 406 13.42 9.73 0.08
CA HIS A 406 14.09 10.56 1.06
C HIS A 406 13.41 11.92 1.14
N MET A 407 13.45 12.52 2.32
CA MET A 407 12.83 13.83 2.55
C MET A 407 13.57 14.51 3.68
N PRO A 408 14.61 15.28 3.36
CA PRO A 408 15.38 15.96 4.41
C PRO A 408 14.55 17.04 5.10
N VAL A 409 14.56 17.03 6.43
CA VAL A 409 13.81 17.98 7.24
C VAL A 409 14.67 18.42 8.41
N ARG A 410 14.24 19.50 9.07
CA ARG A 410 14.84 20.00 10.29
C ARG A 410 13.75 20.20 11.31
N PHE A 411 14.04 19.85 12.57
CA PHE A 411 13.08 19.95 13.66
C PHE A 411 13.42 21.13 14.57
N THR A 412 12.39 21.69 15.19
CA THR A 412 12.46 22.91 16.01
C THR A 412 13.53 23.90 15.57
#